data_1KA1
#
_entry.id   1KA1
#
_cell.length_a   54.875
_cell.length_b   44.968
_cell.length_c   72.110
_cell.angle_alpha   90.00
_cell.angle_beta   110.72
_cell.angle_gamma   90.00
#
_symmetry.space_group_name_H-M   'P 1 21 1'
#
loop_
_entity.id
_entity.type
_entity.pdbx_description
1 polymer 'Halotolerance protein HAL2'
2 non-polymer 'CALCIUM ION'
3 non-polymer 'MAGNESIUM ION'
4 non-polymer "ADENOSINE-3'-5'-DIPHOSPHATE"
5 non-polymer BETA-MERCAPTOETHANOL
6 water water
#
_entity_poly.entity_id   1
_entity_poly.type   'polypeptide(L)'
_entity_poly.pdbx_seq_one_letter_code
;MALERELLVATQAVRKASLLTKRIQSEVISHKDSTTITKNDNSPVTTGDYAAQTIIINAIKSNFPDDKVVGEESSSGLSD
AFVSGILNEIKANDEVYNKNYKKDDFLFTNDQFPLKSLEDVRQIIDFGNYEGGRKGRFWCLDPIDGTKGFLRGEQFAVCL
ALIVDGVVQLGCIGCPNLVLSSYGAQDLKGHESFGYIFRAVRGLGAFYSPSSDAESWTKIHVRHLKDTKDMITLEGVEKG
HSSHDEQTAIKNKLNISKSLHLDSQAKYCLLALGLADVYLRLPIKLSYQEKIWDHAAGNVIVHEAGGIHTDAMEDVPLDF
GNGRTLATKGVIASSGPRELHDLVVSTSCDVIQSRNA
;
_entity_poly.pdbx_strand_id   A
#
loop_
_chem_comp.id
_chem_comp.type
_chem_comp.name
_chem_comp.formula
A3P RNA linking ADENOSINE-3'-5'-DIPHOSPHATE 'C10 H15 N5 O10 P2'
BME non-polymer BETA-MERCAPTOETHANOL 'C2 H6 O S'
CA non-polymer 'CALCIUM ION' 'Ca 2'
MG non-polymer 'MAGNESIUM ION' 'Mg 2'
#
# COMPACT_ATOMS: atom_id res chain seq x y z
N ALA A 2 22.38 6.61 2.68
CA ALA A 2 21.55 6.73 1.44
C ALA A 2 20.03 6.76 1.68
N LEU A 3 19.46 7.65 0.86
CA LEU A 3 18.04 7.85 0.59
C LEU A 3 17.38 8.56 1.75
N GLU A 4 18.15 9.35 2.50
CA GLU A 4 17.59 10.00 3.67
C GLU A 4 16.52 11.02 3.30
N ARG A 5 16.81 11.85 2.31
CA ARG A 5 15.82 12.82 1.87
C ARG A 5 14.58 12.16 1.29
N GLU A 6 14.79 11.11 0.51
CA GLU A 6 13.68 10.38 -0.09
C GLU A 6 12.77 9.78 0.97
N LEU A 7 13.36 9.26 2.03
CA LEU A 7 12.58 8.68 3.08
C LEU A 7 11.73 9.74 3.79
N LEU A 8 12.31 10.91 4.07
CA LEU A 8 11.55 11.99 4.70
C LEU A 8 10.36 12.44 3.84
N VAL A 9 10.62 12.66 2.56
CA VAL A 9 9.57 13.05 1.65
C VAL A 9 8.49 12.00 1.60
N ALA A 10 8.89 10.72 1.43
CA ALA A 10 7.88 9.65 1.34
C ALA A 10 6.99 9.62 2.59
N THR A 11 7.62 9.78 3.75
CA THR A 11 6.93 9.67 5.01
C THR A 11 5.94 10.81 5.18
N GLN A 12 6.37 12.05 4.92
CA GLN A 12 5.48 13.17 5.09
C GLN A 12 4.37 13.18 4.06
N ALA A 13 4.69 12.82 2.81
CA ALA A 13 3.64 12.72 1.80
C ALA A 13 2.54 11.72 2.18
N VAL A 14 2.95 10.52 2.59
CA VAL A 14 2.01 9.52 3.04
C VAL A 14 1.26 9.95 4.26
N ARG A 15 1.96 10.66 5.17
CA ARG A 15 1.31 11.14 6.39
C ARG A 15 0.11 12.09 6.07
N LYS A 16 0.36 13.10 5.24
CA LYS A 16 -0.68 14.06 4.92
C LYS A 16 -1.85 13.37 4.20
N ALA A 17 -1.54 12.49 3.25
CA ALA A 17 -2.60 11.77 2.54
C ALA A 17 -3.36 10.80 3.48
N SER A 18 -2.68 10.26 4.48
CA SER A 18 -3.35 9.39 5.43
C SER A 18 -4.38 10.16 6.24
N LEU A 19 -4.06 11.39 6.64
CA LEU A 19 -5.06 12.21 7.35
C LEU A 19 -6.26 12.53 6.45
N LEU A 20 -5.98 12.89 5.21
CA LEU A 20 -7.07 13.22 4.30
C LEU A 20 -8.01 12.05 4.12
N THR A 21 -7.46 10.88 3.85
CA THR A 21 -8.30 9.73 3.58
C THR A 21 -9.03 9.25 4.82
N LYS A 22 -8.39 9.28 5.98
CA LYS A 22 -9.11 8.95 7.21
C LYS A 22 -10.33 9.89 7.37
N ARG A 23 -10.10 11.19 7.21
CA ARG A 23 -11.15 12.16 7.43
C ARG A 23 -12.30 11.95 6.45
N ILE A 24 -12.00 11.76 5.16
CA ILE A 24 -12.99 11.57 4.09
C ILE A 24 -13.82 10.34 4.26
N GLN A 25 -13.24 9.29 4.82
CA GLN A 25 -13.87 7.99 4.66
C GLN A 25 -15.49 8.05 4.78
N SER A 26 -16.02 8.51 5.93
CA SER A 26 -17.48 8.74 6.17
C SER A 26 -18.31 9.67 5.22
N GLU A 27 -17.66 10.59 4.54
CA GLU A 27 -18.42 11.53 3.73
C GLU A 27 -18.54 10.98 2.33
N VAL A 28 -17.47 10.30 1.90
CA VAL A 28 -17.46 9.57 0.65
C VAL A 28 -18.50 8.47 0.62
N ILE A 29 -18.51 7.63 1.64
CA ILE A 29 -19.54 6.62 1.77
C ILE A 29 -20.96 7.22 1.73
N SER A 30 -21.16 8.35 2.41
CA SER A 30 -22.49 9.01 2.52
C SER A 30 -22.91 9.69 1.23
N HIS A 31 -21.92 10.20 0.48
CA HIS A 31 -22.17 10.97 -0.73
C HIS A 31 -21.63 10.20 -1.94
N LYS A 32 -21.77 8.88 -1.90
CA LYS A 32 -21.15 7.96 -2.85
C LYS A 32 -22.00 7.82 -4.09
N ASP A 33 -22.51 8.97 -4.54
CA ASP A 33 -23.31 9.05 -5.74
C ASP A 33 -22.69 10.19 -6.54
N SER A 34 -21.88 11.00 -5.85
CA SER A 34 -21.17 12.11 -6.48
C SER A 34 -19.67 11.95 -6.29
N THR A 35 -19.27 11.15 -5.31
CA THR A 35 -17.86 11.11 -4.98
C THR A 35 -17.16 9.93 -5.62
N THR A 36 -17.89 9.06 -6.34
CA THR A 36 -17.41 7.72 -6.78
C THR A 36 -17.68 7.48 -8.28
N ILE A 37 -16.61 7.11 -8.97
CA ILE A 37 -16.60 6.91 -10.40
C ILE A 37 -16.29 5.44 -10.63
N THR A 38 -16.84 4.90 -11.70
CA THR A 38 -16.58 3.54 -12.13
C THR A 38 -15.51 3.56 -13.28
N LYS A 39 -14.41 2.79 -13.18
CA LYS A 39 -13.41 2.75 -14.23
C LYS A 39 -13.75 1.69 -15.31
N ASN A 40 -12.87 1.55 -16.30
CA ASN A 40 -13.16 0.75 -17.50
C ASN A 40 -13.28 -0.74 -17.16
N ASP A 41 -12.65 -1.15 -16.05
CA ASP A 41 -12.79 -2.50 -15.50
C ASP A 41 -13.83 -2.65 -14.39
N ASN A 42 -14.71 -1.65 -14.28
CA ASN A 42 -15.78 -1.60 -13.27
C ASN A 42 -15.29 -1.34 -11.84
N SER A 43 -13.99 -1.18 -11.65
CA SER A 43 -13.50 -0.87 -10.29
C SER A 43 -13.80 0.57 -9.87
N PRO A 44 -14.02 0.79 -8.58
CA PRO A 44 -14.30 2.16 -8.11
C PRO A 44 -13.08 3.08 -7.95
N VAL A 45 -13.29 4.38 -8.11
CA VAL A 45 -12.30 5.40 -7.76
C VAL A 45 -13.08 6.58 -7.19
N THR A 46 -12.52 7.21 -6.16
CA THR A 46 -13.21 8.25 -5.41
C THR A 46 -12.37 9.52 -5.38
N THR A 47 -13.03 10.60 -4.99
CA THR A 47 -12.36 11.86 -4.70
C THR A 47 -11.12 11.64 -3.85
N GLY A 48 -11.24 10.80 -2.85
CA GLY A 48 -10.11 10.48 -2.03
C GLY A 48 -8.88 9.89 -2.73
N ASP A 49 -9.12 8.93 -3.62
CA ASP A 49 -8.00 8.36 -4.36
C ASP A 49 -7.25 9.46 -5.10
N TYR A 50 -8.02 10.29 -5.81
CA TYR A 50 -7.38 11.34 -6.58
C TYR A 50 -6.68 12.38 -5.72
N ALA A 51 -7.29 12.76 -4.61
CA ALA A 51 -6.71 13.74 -3.73
C ALA A 51 -5.41 13.22 -3.11
N ALA A 52 -5.41 11.96 -2.72
CA ALA A 52 -4.19 11.38 -2.20
C ALA A 52 -3.08 11.36 -3.25
N GLN A 53 -3.41 10.99 -4.47
CA GLN A 53 -2.41 10.96 -5.52
C GLN A 53 -1.86 12.36 -5.76
N THR A 54 -2.73 13.36 -5.74
CA THR A 54 -2.30 14.75 -5.96
C THR A 54 -1.33 15.21 -4.87
N ILE A 55 -1.68 15.01 -3.60
CA ILE A 55 -0.80 15.42 -2.50
C ILE A 55 0.57 14.74 -2.62
N ILE A 56 0.56 13.43 -2.88
CA ILE A 56 1.81 12.70 -2.88
C ILE A 56 2.69 13.07 -4.06
N ILE A 57 2.17 13.05 -5.27
CA ILE A 57 3.00 13.44 -6.40
C ILE A 57 3.44 14.90 -6.30
N ASN A 58 2.58 15.80 -5.86
CA ASN A 58 3.04 17.17 -5.72
C ASN A 58 4.24 17.28 -4.77
N ALA A 59 4.23 16.55 -3.67
CA ALA A 59 5.35 16.53 -2.73
C ALA A 59 6.59 15.95 -3.35
N ILE A 60 6.46 14.85 -4.05
CA ILE A 60 7.59 14.29 -4.76
C ILE A 60 8.21 15.32 -5.72
N LYS A 61 7.37 15.94 -6.52
CA LYS A 61 7.85 16.88 -7.53
C LYS A 61 8.44 18.16 -6.96
N SER A 62 7.91 18.63 -5.85
CA SER A 62 8.42 19.86 -5.24
C SER A 62 9.85 19.58 -4.69
N ASN A 63 10.12 18.34 -4.31
CA ASN A 63 11.39 17.95 -3.73
C ASN A 63 12.41 17.35 -4.70
N PHE A 64 11.88 16.78 -5.78
CA PHE A 64 12.63 16.04 -6.82
C PHE A 64 11.97 16.30 -8.20
N PRO A 65 12.19 17.49 -8.76
CA PRO A 65 11.45 17.94 -9.94
C PRO A 65 11.47 17.03 -11.18
N ASP A 66 12.55 16.29 -11.35
CA ASP A 66 12.72 15.45 -12.53
C ASP A 66 12.21 14.01 -12.37
N ASP A 67 11.79 13.66 -11.17
CA ASP A 67 11.53 12.26 -10.87
C ASP A 67 10.28 11.71 -11.59
N LYS A 68 10.38 10.45 -11.97
CA LYS A 68 9.33 9.72 -12.65
C LYS A 68 8.46 8.99 -11.61
N VAL A 69 7.15 8.93 -11.92
CA VAL A 69 6.17 8.29 -11.04
C VAL A 69 5.22 7.41 -11.81
N VAL A 70 5.12 6.15 -11.36
CA VAL A 70 4.05 5.23 -11.78
C VAL A 70 2.95 5.31 -10.71
N GLY A 71 1.83 5.96 -11.05
CA GLY A 71 0.68 6.06 -10.15
C GLY A 71 -0.56 5.44 -10.74
N GLU A 72 -1.43 4.86 -9.92
CA GLU A 72 -2.54 4.11 -10.50
C GLU A 72 -3.49 5.01 -11.31
N GLU A 73 -3.81 6.21 -10.85
CA GLU A 73 -4.90 6.99 -11.38
C GLU A 73 -4.46 8.02 -12.42
N SER A 74 -5.44 8.47 -13.21
CA SER A 74 -5.27 9.44 -14.30
C SER A 74 -6.42 10.46 -14.24
N SER A 75 -6.17 11.71 -14.65
CA SER A 75 -7.22 12.74 -14.60
C SER A 75 -8.11 12.78 -15.85
N SER A 76 -7.80 11.95 -16.85
CA SER A 76 -8.52 11.97 -18.13
C SER A 76 -10.01 11.89 -17.92
N GLY A 77 -10.75 12.78 -18.55
CA GLY A 77 -12.21 12.77 -18.43
C GLY A 77 -12.88 13.37 -17.21
N LEU A 78 -12.13 13.64 -16.14
CA LEU A 78 -12.73 14.22 -14.95
C LEU A 78 -13.29 15.60 -15.29
N SER A 79 -14.50 15.88 -14.83
CA SER A 79 -15.10 17.20 -15.03
C SER A 79 -14.45 18.27 -14.13
N ASP A 80 -14.64 19.54 -14.46
CA ASP A 80 -14.19 20.62 -13.61
C ASP A 80 -14.86 20.54 -12.24
N ALA A 81 -16.13 20.20 -12.20
CA ALA A 81 -16.84 20.05 -10.94
C ALA A 81 -16.19 18.98 -10.05
N PHE A 82 -15.80 17.89 -10.68
CA PHE A 82 -15.16 16.81 -9.94
C PHE A 82 -13.76 17.25 -9.41
N VAL A 83 -13.00 17.89 -10.28
CA VAL A 83 -11.66 18.38 -9.91
C VAL A 83 -11.74 19.48 -8.83
N SER A 84 -12.76 20.32 -8.87
CA SER A 84 -12.89 21.32 -7.81
C SER A 84 -13.16 20.63 -6.46
N GLY A 85 -13.83 19.48 -6.48
CA GLY A 85 -14.05 18.77 -5.25
C GLY A 85 -12.75 18.15 -4.70
N ILE A 86 -11.90 17.66 -5.59
CA ILE A 86 -10.58 17.17 -5.20
C ILE A 86 -9.80 18.31 -4.55
N LEU A 87 -9.76 19.47 -5.21
CA LEU A 87 -9.04 20.59 -4.64
C LEU A 87 -9.57 21.02 -3.28
N ASN A 88 -10.88 21.07 -3.16
CA ASN A 88 -11.51 21.42 -1.90
C ASN A 88 -11.11 20.46 -0.77
N GLU A 89 -11.13 19.16 -1.04
CA GLU A 89 -10.72 18.23 0.00
C GLU A 89 -9.24 18.44 0.38
N ILE A 90 -8.39 18.74 -0.61
CA ILE A 90 -6.97 18.98 -0.29
C ILE A 90 -6.84 20.20 0.63
N LYS A 91 -7.52 21.29 0.28
CA LYS A 91 -7.41 22.51 1.09
C LYS A 91 -8.10 22.38 2.46
N ALA A 92 -9.21 21.65 2.53
CA ALA A 92 -9.81 21.37 3.83
C ALA A 92 -8.85 20.56 4.72
N ASN A 93 -8.19 19.56 4.14
CA ASN A 93 -7.22 18.80 4.90
C ASN A 93 -6.02 19.63 5.33
N ASP A 94 -5.57 20.54 4.49
CA ASP A 94 -4.44 21.39 4.85
C ASP A 94 -4.75 22.23 6.09
N GLU A 95 -5.98 22.68 6.21
CA GLU A 95 -6.37 23.55 7.32
C GLU A 95 -6.34 22.80 8.66
N VAL A 96 -6.73 21.52 8.68
CA VAL A 96 -6.60 20.65 9.86
C VAL A 96 -5.14 20.26 10.09
N TYR A 97 -4.48 19.85 9.02
CA TYR A 97 -3.11 19.31 9.11
C TYR A 97 -2.07 20.34 9.60
N ASN A 98 -2.10 21.54 9.04
CA ASN A 98 -1.15 22.56 9.45
C ASN A 98 -1.39 23.08 10.90
N LYS A 99 -2.60 22.96 11.45
CA LYS A 99 -2.80 23.42 12.85
C LYS A 99 -2.04 22.50 13.79
N ASN A 100 -2.02 21.26 13.36
CA ASN A 100 -1.80 20.17 14.28
C ASN A 100 -0.49 19.38 14.01
N TYR A 101 -0.08 19.22 12.74
CA TYR A 101 0.91 18.21 12.34
C TYR A 101 1.97 18.74 11.41
N LYS A 102 2.12 20.05 11.34
CA LYS A 102 3.07 20.67 10.44
C LYS A 102 4.48 20.17 10.79
N LYS A 103 5.29 19.81 9.80
CA LYS A 103 6.69 19.42 9.98
C LYS A 103 7.57 20.58 9.53
N ASP A 104 8.47 21.02 10.41
CA ASP A 104 9.40 22.08 10.09
C ASP A 104 10.34 21.74 8.96
N ASP A 105 10.62 22.72 8.11
CA ASP A 105 11.62 22.60 7.07
C ASP A 105 11.27 21.48 6.11
N PHE A 106 9.98 21.33 5.81
CA PHE A 106 9.53 20.36 4.84
C PHE A 106 8.50 21.02 3.93
N LEU A 107 8.64 20.88 2.62
CA LEU A 107 7.70 21.47 1.70
C LEU A 107 6.85 20.44 0.95
N PHE A 108 5.55 20.68 0.94
CA PHE A 108 4.60 19.90 0.14
C PHE A 108 4.32 20.53 -1.24
N THR A 109 4.61 21.83 -1.35
CA THR A 109 4.35 22.60 -2.57
C THR A 109 5.47 23.64 -2.66
N ASN A 110 5.68 24.20 -3.85
CA ASN A 110 6.66 25.27 -4.05
C ASN A 110 6.27 26.11 -5.25
N ASP A 111 7.21 26.97 -5.67
CA ASP A 111 6.94 27.89 -6.78
C ASP A 111 6.57 27.16 -8.08
N GLN A 112 7.28 26.09 -8.39
CA GLN A 112 7.10 25.39 -9.67
C GLN A 112 5.80 24.55 -9.60
N PHE A 113 5.47 24.02 -8.41
CA PHE A 113 4.31 23.14 -8.21
C PHE A 113 3.50 23.66 -7.03
N PRO A 114 2.75 24.74 -7.27
CA PRO A 114 2.03 25.43 -6.19
C PRO A 114 0.71 24.82 -5.71
N LEU A 115 0.14 23.92 -6.51
CA LEU A 115 -1.10 23.23 -6.17
C LEU A 115 -2.20 24.23 -5.78
N LYS A 116 -2.50 25.12 -6.72
CA LYS A 116 -3.50 26.15 -6.52
C LYS A 116 -4.75 26.04 -7.39
N SER A 117 -4.62 25.58 -8.62
CA SER A 117 -5.71 25.63 -9.61
C SER A 117 -6.20 24.25 -10.01
N LEU A 118 -7.34 24.20 -10.70
CA LEU A 118 -7.85 22.95 -11.25
C LEU A 118 -6.84 22.36 -12.23
N GLU A 119 -6.21 23.22 -13.01
CA GLU A 119 -5.24 22.76 -13.97
C GLU A 119 -4.00 22.15 -13.28
N ASP A 120 -3.59 22.71 -12.14
CA ASP A 120 -2.47 22.13 -11.38
C ASP A 120 -2.83 20.71 -10.96
N VAL A 121 -4.03 20.52 -10.46
CA VAL A 121 -4.48 19.20 -10.02
C VAL A 121 -4.39 18.17 -11.13
N ARG A 122 -4.93 18.52 -12.28
CA ARG A 122 -4.89 17.62 -13.42
C ARG A 122 -3.45 17.25 -13.82
N GLN A 123 -2.59 18.26 -13.92
CA GLN A 123 -1.20 18.04 -14.31
C GLN A 123 -0.47 17.12 -13.33
N ILE A 124 -0.67 17.37 -12.04
CA ILE A 124 -0.01 16.57 -11.03
C ILE A 124 -0.48 15.11 -11.04
N ILE A 125 -1.80 14.88 -11.12
CA ILE A 125 -2.27 13.52 -11.21
C ILE A 125 -1.57 12.79 -12.37
N ASP A 126 -1.50 13.49 -13.50
CA ASP A 126 -1.01 12.85 -14.71
C ASP A 126 0.50 12.70 -14.80
N PHE A 127 1.24 13.26 -13.84
CA PHE A 127 2.64 12.91 -13.68
C PHE A 127 2.77 11.45 -13.20
N GLY A 128 1.69 10.77 -12.83
CA GLY A 128 1.76 9.36 -12.53
C GLY A 128 1.71 8.43 -13.73
N ASN A 129 1.93 8.96 -14.93
CA ASN A 129 1.77 8.16 -16.16
C ASN A 129 3.00 7.39 -16.65
N TYR A 130 4.02 7.24 -15.83
CA TYR A 130 5.20 6.47 -16.20
C TYR A 130 4.82 4.97 -16.30
N GLU A 131 5.55 4.23 -17.15
CA GLU A 131 5.27 2.82 -17.34
C GLU A 131 6.33 1.91 -16.74
N GLY A 132 7.26 2.49 -15.99
CA GLY A 132 8.20 1.69 -15.25
C GLY A 132 9.32 1.10 -16.10
N GLY A 133 9.91 0.00 -15.64
CA GLY A 133 10.91 -0.73 -16.39
C GLY A 133 12.19 -1.06 -15.65
N ARG A 134 13.17 -1.54 -16.40
CA ARG A 134 14.28 -2.29 -15.82
C ARG A 134 15.43 -1.43 -15.25
N LYS A 135 15.61 -0.24 -15.80
CA LYS A 135 16.71 0.64 -15.49
C LYS A 135 16.24 1.92 -14.83
N GLY A 136 17.08 2.44 -13.96
CA GLY A 136 16.86 3.76 -13.40
C GLY A 136 15.88 3.79 -12.21
N ARG A 137 15.66 5.00 -11.75
CA ARG A 137 14.87 5.31 -10.55
C ARG A 137 13.45 5.76 -10.89
N PHE A 138 12.43 5.22 -10.19
CA PHE A 138 11.08 5.76 -10.28
C PHE A 138 10.28 5.46 -9.02
N TRP A 139 9.29 6.32 -8.77
CA TRP A 139 8.38 6.12 -7.65
C TRP A 139 7.20 5.27 -8.11
N CYS A 140 6.61 4.54 -7.17
CA CYS A 140 5.52 3.64 -7.46
C CYS A 140 4.44 3.87 -6.40
N LEU A 141 3.23 4.27 -6.82
CA LEU A 141 2.19 4.81 -5.96
C LEU A 141 0.81 4.20 -6.18
N ASP A 142 0.23 3.68 -5.10
CA ASP A 142 -1.19 3.39 -5.02
C ASP A 142 -1.79 4.34 -3.98
N PRO A 143 -2.50 5.38 -4.42
CA PRO A 143 -2.91 6.42 -3.47
C PRO A 143 -3.94 5.93 -2.44
N ILE A 144 -4.88 5.06 -2.84
CA ILE A 144 -5.68 4.26 -1.92
C ILE A 144 -5.66 2.81 -2.36
N ASP A 145 -4.89 1.98 -1.64
CA ASP A 145 -4.91 0.55 -1.90
C ASP A 145 -6.04 -0.01 -1.08
N GLY A 146 -6.93 -0.78 -1.70
CA GLY A 146 -8.10 -1.26 -1.01
C GLY A 146 -9.28 -0.26 -1.04
N THR A 147 -9.55 0.39 -2.17
CA THR A 147 -10.68 1.32 -2.28
C THR A 147 -12.01 0.66 -1.86
N LYS A 148 -12.20 -0.62 -2.16
CA LYS A 148 -13.43 -1.28 -1.71
C LYS A 148 -13.51 -1.40 -0.18
N GLY A 149 -12.35 -1.60 0.46
CA GLY A 149 -12.28 -1.54 1.91
C GLY A 149 -12.54 -0.14 2.49
N PHE A 150 -11.95 0.85 1.85
CA PHE A 150 -12.19 2.27 2.17
C PHE A 150 -13.69 2.55 2.16
N LEU A 151 -14.35 2.15 1.07
CA LEU A 151 -15.78 2.38 0.94
C LEU A 151 -16.64 1.60 1.91
N ARG A 152 -16.15 0.43 2.32
CA ARG A 152 -16.85 -0.38 3.35
C ARG A 152 -16.66 0.17 4.79
N GLY A 153 -15.89 1.25 4.96
CA GLY A 153 -15.53 1.73 6.29
C GLY A 153 -14.55 0.84 7.05
N GLU A 154 -13.79 0.03 6.31
CA GLU A 154 -12.88 -0.93 6.91
C GLU A 154 -11.41 -0.56 6.60
N GLN A 155 -10.54 -1.51 6.36
CA GLN A 155 -9.13 -1.19 6.15
C GLN A 155 -8.82 -0.81 4.71
N PHE A 156 -7.81 0.05 4.62
CA PHE A 156 -7.21 0.48 3.37
C PHE A 156 -5.79 1.01 3.68
N ALA A 157 -4.98 1.29 2.65
CA ALA A 157 -3.62 1.75 2.87
C ALA A 157 -3.20 2.74 1.79
N VAL A 158 -2.32 3.66 2.13
CA VAL A 158 -1.71 4.65 1.22
C VAL A 158 -0.27 4.19 0.98
N CYS A 159 0.08 3.82 -0.25
CA CYS A 159 1.32 3.04 -0.50
C CYS A 159 2.25 3.70 -1.49
N LEU A 160 3.49 3.95 -1.06
CA LEU A 160 4.50 4.61 -1.88
C LEU A 160 5.82 3.84 -1.77
N ALA A 161 6.46 3.64 -2.93
CA ALA A 161 7.74 2.95 -3.00
C ALA A 161 8.67 3.64 -3.97
N LEU A 162 9.98 3.44 -3.81
CA LEU A 162 10.98 3.87 -4.75
C LEU A 162 11.69 2.62 -5.30
N ILE A 163 11.70 2.49 -6.63
CA ILE A 163 12.34 1.37 -7.33
C ILE A 163 13.56 1.94 -8.07
N VAL A 164 14.69 1.23 -7.97
CA VAL A 164 15.92 1.60 -8.69
C VAL A 164 16.46 0.33 -9.35
N ASP A 165 16.61 0.39 -10.67
CA ASP A 165 17.13 -0.73 -11.42
C ASP A 165 16.34 -2.00 -11.14
N GLY A 166 15.03 -1.84 -11.10
CA GLY A 166 14.08 -2.92 -10.98
C GLY A 166 13.94 -3.52 -9.59
N VAL A 167 14.63 -2.96 -8.62
CA VAL A 167 14.60 -3.43 -7.25
C VAL A 167 13.95 -2.38 -6.30
N VAL A 168 13.03 -2.81 -5.44
CA VAL A 168 12.44 -1.88 -4.48
C VAL A 168 13.48 -1.49 -3.41
N GLN A 169 13.81 -0.19 -3.35
CA GLN A 169 14.76 0.29 -2.35
C GLN A 169 14.15 0.91 -1.11
N LEU A 170 12.92 1.41 -1.24
CA LEU A 170 12.29 2.14 -0.17
C LEU A 170 10.77 1.90 -0.26
N GLY A 171 10.13 1.77 0.92
CA GLY A 171 8.69 1.61 0.97
C GLY A 171 8.07 2.30 2.17
N CYS A 172 6.85 2.82 2.03
CA CYS A 172 6.14 3.52 3.09
C CYS A 172 4.67 3.24 2.87
N ILE A 173 4.05 2.73 3.93
CA ILE A 173 2.63 2.33 3.89
C ILE A 173 1.92 3.00 5.04
N GLY A 174 0.98 3.90 4.72
CA GLY A 174 0.07 4.44 5.73
C GLY A 174 -1.17 3.58 5.86
N CYS A 175 -1.51 3.22 7.10
CA CYS A 175 -2.71 2.39 7.40
C CYS A 175 -3.63 3.23 8.32
N PRO A 176 -4.45 4.11 7.73
CA PRO A 176 -5.09 5.15 8.53
C PRO A 176 -6.14 4.72 9.50
N ASN A 177 -6.70 3.54 9.30
CA ASN A 177 -7.83 3.03 10.09
C ASN A 177 -7.40 1.79 10.88
N LEU A 178 -6.09 1.51 10.96
CA LEU A 178 -5.59 0.30 11.59
C LEU A 178 -5.54 0.39 13.13
N VAL A 179 -6.23 -0.50 13.84
CA VAL A 179 -6.22 -0.56 15.30
C VAL A 179 -5.70 -1.94 15.71
N LEU A 180 -4.50 -1.97 16.29
CA LEU A 180 -3.81 -3.22 16.54
C LEU A 180 -4.55 -4.08 17.59
N SER A 181 -5.30 -3.45 18.47
CA SER A 181 -6.00 -4.20 19.50
C SER A 181 -7.09 -5.05 18.86
N SER A 182 -7.50 -4.69 17.64
CA SER A 182 -8.45 -5.53 16.89
C SER A 182 -7.94 -6.92 16.60
N TYR A 183 -6.60 -7.06 16.61
CA TYR A 183 -5.93 -8.30 16.24
C TYR A 183 -5.42 -8.88 17.56
N GLY A 184 -5.90 -8.34 18.69
CA GLY A 184 -5.46 -8.82 20.00
C GLY A 184 -4.12 -8.25 20.47
N ALA A 185 -3.55 -7.28 19.73
CA ALA A 185 -2.20 -6.70 19.98
C ALA A 185 -2.25 -5.25 20.65
N GLN A 186 -1.11 -4.63 21.02
CA GLN A 186 -1.12 -3.31 21.74
C GLN A 186 -1.03 -2.09 20.80
N ASP A 187 -1.77 -1.03 21.08
CA ASP A 187 -1.69 0.20 20.30
C ASP A 187 -0.81 1.23 20.98
N LEU A 188 -0.14 2.03 20.17
CA LEU A 188 0.78 3.05 20.64
C LEU A 188 0.10 4.39 20.77
N LYS A 189 0.64 5.19 21.70
CA LYS A 189 0.13 6.52 21.99
C LYS A 189 0.04 7.32 20.69
N GLY A 190 -1.15 7.87 20.43
CA GLY A 190 -1.41 8.69 19.24
C GLY A 190 -2.00 8.02 18.01
N HIS A 191 -2.18 6.70 18.10
CA HIS A 191 -2.65 5.90 16.98
C HIS A 191 -4.07 6.29 16.55
N GLU A 192 -4.85 6.85 17.49
CA GLU A 192 -6.28 6.97 17.27
C GLU A 192 -6.66 8.02 16.25
N SER A 193 -5.80 9.02 16.04
CA SER A 193 -6.21 10.04 15.13
C SER A 193 -6.18 9.64 13.66
N PHE A 194 -5.11 9.01 13.20
CA PHE A 194 -5.07 8.52 11.81
C PHE A 194 -4.10 7.33 11.57
N GLY A 195 -4.11 6.39 12.53
CA GLY A 195 -3.50 5.09 12.36
C GLY A 195 -1.98 5.11 12.44
N TYR A 196 -1.35 4.31 11.59
CA TYR A 196 0.08 4.01 11.65
C TYR A 196 0.74 4.19 10.30
N ILE A 197 2.04 4.51 10.30
CA ILE A 197 2.88 4.45 9.13
C ILE A 197 3.98 3.39 9.34
N PHE A 198 4.20 2.56 8.33
CA PHE A 198 5.26 1.56 8.31
C PHE A 198 6.22 1.97 7.20
N ARG A 199 7.51 1.75 7.42
CA ARG A 199 8.46 2.14 6.38
C ARG A 199 9.74 1.32 6.46
N ALA A 200 10.49 1.28 5.37
CA ALA A 200 11.77 0.59 5.33
C ALA A 200 12.63 1.07 4.16
N VAL A 201 13.95 1.06 4.34
CA VAL A 201 14.90 1.25 3.27
C VAL A 201 15.79 0.00 3.23
N ARG A 202 16.03 -0.52 2.04
CA ARG A 202 16.78 -1.77 1.91
C ARG A 202 18.19 -1.65 2.59
N GLY A 203 18.50 -2.61 3.43
CA GLY A 203 19.71 -2.64 4.22
C GLY A 203 19.63 -1.99 5.59
N LEU A 204 18.55 -1.26 5.87
CA LEU A 204 18.48 -0.41 7.04
C LEU A 204 17.39 -0.74 8.04
N GLY A 205 16.62 -1.81 7.81
CA GLY A 205 15.58 -2.25 8.72
C GLY A 205 14.18 -1.66 8.42
N ALA A 206 13.18 -2.23 9.10
CA ALA A 206 11.77 -1.81 8.98
C ALA A 206 11.29 -1.27 10.32
N PHE A 207 10.44 -0.23 10.23
CA PHE A 207 10.03 0.54 11.41
C PHE A 207 8.55 0.95 11.27
N TYR A 208 7.94 1.31 12.40
CA TYR A 208 6.61 1.92 12.39
C TYR A 208 6.47 3.01 13.43
N SER A 209 5.41 3.82 13.31
CA SER A 209 5.13 4.90 14.22
C SER A 209 3.66 5.26 14.01
N PRO A 210 2.97 5.73 15.04
CA PRO A 210 1.67 6.35 14.79
C PRO A 210 1.78 7.45 13.74
N SER A 211 0.79 7.58 12.85
CA SER A 211 0.84 8.59 11.79
C SER A 211 0.98 10.01 12.32
N SER A 212 0.29 10.26 13.43
CA SER A 212 0.32 11.56 14.05
C SER A 212 1.68 11.90 14.66
N ASP A 213 2.50 10.90 14.91
CA ASP A 213 3.84 11.06 15.46
C ASP A 213 4.81 11.14 14.23
N ALA A 214 5.19 9.98 13.69
CA ALA A 214 6.07 9.86 12.53
C ALA A 214 7.46 10.50 12.76
N GLU A 215 7.81 10.62 14.03
CA GLU A 215 9.12 11.13 14.43
C GLU A 215 9.90 10.09 15.24
N SER A 216 9.21 9.45 16.17
CA SER A 216 9.78 8.31 16.90
C SER A 216 9.40 6.99 16.22
N TRP A 217 10.42 6.25 15.82
CA TRP A 217 10.27 5.04 15.02
C TRP A 217 10.65 3.82 15.85
N THR A 218 9.78 2.80 15.84
CA THR A 218 10.01 1.51 16.51
C THR A 218 10.34 0.44 15.48
N LYS A 219 11.45 -0.27 15.68
CA LYS A 219 11.85 -1.35 14.78
C LYS A 219 10.92 -2.56 14.88
N ILE A 220 10.62 -3.16 13.74
CA ILE A 220 9.71 -4.30 13.63
C ILE A 220 10.42 -5.52 13.03
N HIS A 221 9.91 -6.71 13.36
CA HIS A 221 10.43 -7.95 12.82
C HIS A 221 9.35 -9.03 12.82
N VAL A 222 9.40 -9.88 11.78
CA VAL A 222 8.55 -11.05 11.72
C VAL A 222 8.78 -11.95 12.92
N ARG A 223 7.74 -12.72 13.25
CA ARG A 223 7.89 -13.71 14.30
C ARG A 223 8.31 -15.06 13.75
N HIS A 224 8.59 -16.01 14.64
CA HIS A 224 8.94 -17.34 14.20
C HIS A 224 8.30 -18.43 14.99
N LEU A 225 7.10 -18.84 14.60
CA LEU A 225 6.46 -19.96 15.25
C LEU A 225 7.03 -21.28 14.68
N LYS A 226 7.10 -22.33 15.48
CA LYS A 226 7.74 -23.51 14.93
C LYS A 226 6.79 -24.41 14.12
N ASP A 227 5.53 -24.51 14.54
CA ASP A 227 4.54 -25.41 13.92
C ASP A 227 3.42 -24.70 13.20
N THR A 228 3.16 -25.11 11.98
CA THR A 228 2.13 -24.49 11.19
C THR A 228 0.80 -24.54 11.89
N LYS A 229 0.57 -25.55 12.72
CA LYS A 229 -0.72 -25.63 13.35
C LYS A 229 -1.06 -24.40 14.20
N ASP A 230 -0.05 -23.63 14.63
CA ASP A 230 -0.28 -22.45 15.46
C ASP A 230 -0.38 -21.14 14.63
N MET A 231 -0.18 -21.24 13.33
CA MET A 231 0.01 -20.05 12.52
C MET A 231 -1.29 -19.38 12.10
N ILE A 232 -1.16 -18.12 11.64
CA ILE A 232 -2.25 -17.27 11.21
C ILE A 232 -2.00 -16.81 9.78
N THR A 233 -2.96 -17.02 8.89
CA THR A 233 -2.93 -16.43 7.56
C THR A 233 -3.52 -15.01 7.51
N LEU A 234 -3.08 -14.31 6.48
CA LEU A 234 -3.58 -12.99 6.07
C LEU A 234 -4.14 -13.18 4.65
N GLU A 235 -5.40 -12.81 4.47
CA GLU A 235 -6.07 -12.94 3.19
C GLU A 235 -6.97 -11.71 2.96
N GLY A 236 -7.25 -11.42 1.71
CA GLY A 236 -8.23 -10.40 1.38
C GLY A 236 -9.65 -10.76 1.77
N VAL A 237 -10.50 -9.76 1.72
CA VAL A 237 -11.95 -9.89 1.93
C VAL A 237 -12.66 -10.18 0.61
N GLU A 238 -12.29 -9.48 -0.44
CA GLU A 238 -13.05 -9.51 -1.70
C GLU A 238 -12.81 -10.84 -2.46
N LYS A 239 -13.89 -11.61 -2.66
CA LYS A 239 -13.78 -12.95 -3.24
C LYS A 239 -13.27 -12.94 -4.68
N GLY A 240 -13.42 -11.82 -5.38
CA GLY A 240 -12.93 -11.71 -6.74
C GLY A 240 -11.46 -11.34 -6.84
N HIS A 241 -10.80 -11.05 -5.72
CA HIS A 241 -9.38 -10.65 -5.80
C HIS A 241 -8.36 -11.79 -5.58
N SER A 242 -8.80 -12.92 -5.00
CA SER A 242 -7.94 -14.08 -4.84
C SER A 242 -8.83 -15.32 -4.71
N SER A 243 -8.19 -16.49 -4.80
CA SER A 243 -8.87 -17.76 -4.83
C SER A 243 -9.08 -18.28 -3.41
N HIS A 244 -10.15 -17.86 -2.75
CA HIS A 244 -10.33 -18.22 -1.36
C HIS A 244 -10.44 -19.75 -1.13
N ASP A 245 -11.11 -20.47 -2.00
CA ASP A 245 -11.32 -21.90 -1.77
C ASP A 245 -10.00 -22.69 -1.88
N GLU A 246 -9.10 -22.24 -2.77
CA GLU A 246 -7.79 -22.85 -2.88
C GLU A 246 -6.91 -22.48 -1.69
N GLN A 247 -7.06 -21.24 -1.21
CA GLN A 247 -6.41 -20.84 0.04
C GLN A 247 -6.86 -21.70 1.24
N THR A 248 -8.16 -22.00 1.29
CA THR A 248 -8.67 -22.91 2.30
C THR A 248 -8.03 -24.30 2.20
N ALA A 249 -7.89 -24.80 0.97
CA ALA A 249 -7.23 -26.09 0.76
C ALA A 249 -5.80 -26.06 1.34
N ILE A 250 -5.07 -24.99 1.11
CA ILE A 250 -3.71 -24.87 1.66
C ILE A 250 -3.79 -24.89 3.18
N LYS A 251 -4.68 -24.08 3.77
CA LYS A 251 -4.79 -24.02 5.24
C LYS A 251 -5.10 -25.41 5.82
N ASN A 252 -6.04 -26.11 5.20
CA ASN A 252 -6.44 -27.42 5.73
C ASN A 252 -5.27 -28.39 5.68
N LYS A 253 -4.57 -28.39 4.55
CA LYS A 253 -3.43 -29.27 4.40
C LYS A 253 -2.35 -28.98 5.45
N LEU A 254 -2.19 -27.73 5.83
CA LEU A 254 -1.19 -27.35 6.82
C LEU A 254 -1.71 -27.27 8.27
N ASN A 255 -2.96 -27.67 8.47
CA ASN A 255 -3.62 -27.59 9.77
C ASN A 255 -3.67 -26.17 10.36
N ILE A 256 -3.78 -25.17 9.49
CA ILE A 256 -3.96 -23.80 9.94
C ILE A 256 -5.45 -23.54 10.18
N SER A 257 -5.80 -23.06 11.38
CA SER A 257 -7.20 -22.77 11.68
C SER A 257 -7.52 -21.32 12.04
N LYS A 258 -6.55 -20.44 11.84
CA LYS A 258 -6.74 -19.04 12.17
C LYS A 258 -6.39 -18.19 10.96
N SER A 259 -7.24 -17.22 10.64
CA SER A 259 -7.03 -16.31 9.50
C SER A 259 -7.60 -14.93 9.84
N LEU A 260 -6.94 -13.92 9.29
CA LEU A 260 -7.36 -12.53 9.31
C LEU A 260 -7.61 -12.04 7.88
N HIS A 261 -8.85 -11.59 7.65
CA HIS A 261 -9.22 -11.06 6.37
C HIS A 261 -9.31 -9.53 6.44
N LEU A 262 -8.58 -8.86 5.54
CA LEU A 262 -8.66 -7.39 5.47
C LEU A 262 -8.19 -6.96 4.10
N ASP A 263 -8.58 -5.78 3.70
CA ASP A 263 -8.18 -5.23 2.43
C ASP A 263 -6.78 -4.55 2.59
N SER A 264 -6.04 -4.53 1.49
CA SER A 264 -4.82 -3.69 1.28
C SER A 264 -3.52 -4.28 1.79
N GLN A 265 -2.43 -3.58 1.44
CA GLN A 265 -1.09 -3.86 1.93
C GLN A 265 -0.92 -3.66 3.43
N ALA A 266 -1.97 -3.19 4.13
CA ALA A 266 -1.97 -3.34 5.60
C ALA A 266 -1.65 -4.77 5.99
N LYS A 267 -2.00 -5.75 5.15
CA LYS A 267 -1.65 -7.14 5.44
C LYS A 267 -0.14 -7.35 5.57
N TYR A 268 0.64 -6.76 4.66
CA TYR A 268 2.07 -6.90 4.79
C TYR A 268 2.61 -6.26 6.09
N CYS A 269 1.97 -5.18 6.50
CA CYS A 269 2.38 -4.49 7.72
C CYS A 269 2.14 -5.39 8.94
N LEU A 270 1.01 -6.08 9.02
CA LEU A 270 0.75 -7.01 10.12
C LEU A 270 1.76 -8.19 10.11
N LEU A 271 2.13 -8.66 8.92
CA LEU A 271 3.14 -9.71 8.86
C LEU A 271 4.48 -9.23 9.38
N ALA A 272 4.89 -8.05 8.93
CA ALA A 272 6.18 -7.45 9.28
C ALA A 272 6.28 -7.12 10.77
N LEU A 273 5.14 -6.76 11.37
CA LEU A 273 5.05 -6.51 12.81
C LEU A 273 5.14 -7.77 13.67
N GLY A 274 4.89 -8.95 13.06
CA GLY A 274 4.93 -10.18 13.81
C GLY A 274 3.59 -10.67 14.36
N LEU A 275 2.49 -10.24 13.75
CA LEU A 275 1.14 -10.53 14.24
C LEU A 275 0.48 -11.67 13.47
N ALA A 276 1.07 -12.09 12.36
CA ALA A 276 0.62 -13.28 11.61
C ALA A 276 1.81 -13.83 10.81
N ASP A 277 1.60 -14.90 10.05
CA ASP A 277 2.70 -15.72 9.56
C ASP A 277 2.78 -15.88 8.06
N VAL A 278 1.64 -15.91 7.40
CA VAL A 278 1.55 -16.22 5.97
C VAL A 278 0.49 -15.38 5.25
N TYR A 279 0.91 -14.60 4.25
CA TYR A 279 0.02 -13.81 3.37
C TYR A 279 -0.20 -14.67 2.13
N LEU A 280 -1.45 -15.00 1.85
CA LEU A 280 -1.84 -15.79 0.67
C LEU A 280 -2.62 -14.98 -0.34
N ARG A 281 -2.19 -15.00 -1.59
CA ARG A 281 -2.93 -14.33 -2.67
C ARG A 281 -2.79 -15.18 -3.93
N LEU A 282 -3.57 -16.26 -3.98
CA LEU A 282 -3.60 -17.14 -5.15
C LEU A 282 -4.46 -16.53 -6.24
N PRO A 283 -4.04 -16.67 -7.49
CA PRO A 283 -4.79 -16.09 -8.63
C PRO A 283 -6.06 -16.90 -8.93
N ILE A 284 -7.23 -16.31 -9.13
CA ILE A 284 -8.39 -17.04 -9.66
C ILE A 284 -8.20 -17.33 -11.15
N LYS A 285 -7.91 -16.30 -11.91
CA LYS A 285 -7.65 -16.45 -13.35
C LYS A 285 -6.18 -16.24 -13.63
N LEU A 286 -5.55 -17.20 -14.31
CA LEU A 286 -4.12 -17.10 -14.57
C LEU A 286 -3.77 -16.01 -15.58
N SER A 287 -4.76 -15.39 -16.23
CA SER A 287 -4.48 -14.31 -17.17
C SER A 287 -4.21 -12.96 -16.48
N TYR A 288 -4.62 -12.86 -15.24
CA TYR A 288 -4.42 -11.62 -14.50
C TYR A 288 -2.91 -11.32 -14.25
N GLN A 289 -2.46 -10.08 -14.46
CA GLN A 289 -1.09 -9.66 -14.09
C GLN A 289 -1.19 -8.63 -12.95
N GLU A 290 -0.60 -8.99 -11.85
CA GLU A 290 -0.58 -8.12 -10.68
C GLU A 290 0.06 -6.78 -11.01
N LYS A 291 -0.48 -5.73 -10.43
CA LYS A 291 0.11 -4.40 -10.55
C LYS A 291 1.26 -4.21 -9.56
N ILE A 292 2.34 -3.55 -10.01
CA ILE A 292 3.45 -3.35 -9.09
C ILE A 292 3.10 -2.54 -7.85
N TRP A 293 2.20 -1.58 -8.01
CA TRP A 293 1.83 -0.74 -6.86
C TRP A 293 1.06 -1.47 -5.78
N ASP A 294 0.56 -2.68 -6.08
CA ASP A 294 -0.12 -3.48 -5.08
C ASP A 294 0.86 -4.26 -4.17
N HIS A 295 2.16 -4.24 -4.49
CA HIS A 295 3.11 -5.11 -3.79
C HIS A 295 4.47 -4.48 -3.49
N ALA A 296 4.79 -3.35 -4.09
CA ALA A 296 6.15 -2.85 -4.06
C ALA A 296 6.55 -2.37 -2.66
N ALA A 297 5.72 -1.54 -2.03
CA ALA A 297 6.08 -1.07 -0.70
C ALA A 297 6.21 -2.23 0.29
N GLY A 298 5.30 -3.17 0.20
CA GLY A 298 5.34 -4.33 1.07
C GLY A 298 6.55 -5.21 0.86
N ASN A 299 7.03 -5.30 -0.37
CA ASN A 299 8.19 -6.13 -0.67
C ASN A 299 9.38 -5.75 0.19
N VAL A 300 9.73 -4.47 0.26
CA VAL A 300 10.92 -4.07 1.00
C VAL A 300 10.66 -4.08 2.51
N ILE A 301 9.46 -3.72 2.94
CA ILE A 301 9.12 -3.77 4.35
C ILE A 301 9.18 -5.20 4.88
N VAL A 302 8.62 -6.17 4.18
CA VAL A 302 8.65 -7.57 4.59
C VAL A 302 10.12 -8.05 4.59
N HIS A 303 10.89 -7.74 3.56
CA HIS A 303 12.29 -8.17 3.51
C HIS A 303 13.08 -7.65 4.73
N GLU A 304 12.97 -6.35 4.99
CA GLU A 304 13.72 -5.73 6.07
C GLU A 304 13.24 -6.17 7.44
N ALA A 305 12.01 -6.67 7.53
CA ALA A 305 11.51 -7.27 8.74
C ALA A 305 11.91 -8.75 8.94
N GLY A 306 12.61 -9.31 7.96
CA GLY A 306 13.12 -10.68 8.04
C GLY A 306 12.26 -11.74 7.37
N GLY A 307 11.30 -11.37 6.55
CA GLY A 307 10.42 -12.32 5.89
C GLY A 307 10.81 -12.60 4.45
N ILE A 308 9.97 -13.38 3.76
CA ILE A 308 10.22 -13.86 2.41
C ILE A 308 8.98 -13.54 1.54
N HIS A 309 9.24 -13.16 0.28
CA HIS A 309 8.18 -12.67 -0.62
C HIS A 309 8.43 -13.27 -2.01
N THR A 310 7.47 -14.08 -2.48
CA THR A 310 7.54 -14.70 -3.82
C THR A 310 6.21 -14.63 -4.53
N ASP A 311 6.18 -15.26 -5.73
CA ASP A 311 4.93 -15.58 -6.39
C ASP A 311 4.18 -16.72 -5.67
N ALA A 312 3.07 -17.20 -6.25
CA ALA A 312 2.27 -18.25 -5.64
C ALA A 312 2.48 -19.63 -6.26
N MET A 313 3.32 -19.77 -7.28
CA MET A 313 3.43 -21.04 -7.98
C MET A 313 4.87 -21.54 -8.09
N GLU A 314 5.74 -20.70 -8.65
CA GLU A 314 7.12 -21.11 -8.97
C GLU A 314 8.08 -21.02 -7.79
N ASP A 315 7.73 -20.20 -6.81
CA ASP A 315 8.59 -19.93 -5.66
C ASP A 315 9.84 -19.13 -6.04
N VAL A 316 9.64 -18.11 -6.86
CA VAL A 316 10.68 -17.21 -7.29
C VAL A 316 10.44 -15.79 -6.72
N PRO A 317 11.49 -14.99 -6.61
CA PRO A 317 11.31 -13.60 -6.18
C PRO A 317 10.50 -12.80 -7.18
N LEU A 318 9.80 -11.80 -6.67
CA LEU A 318 9.04 -10.88 -7.50
C LEU A 318 10.00 -9.92 -8.20
N ASP A 319 9.73 -9.64 -9.47
CA ASP A 319 10.60 -8.79 -10.28
C ASP A 319 9.89 -7.48 -10.61
N PHE A 320 10.32 -6.40 -9.97
CA PHE A 320 9.71 -5.09 -10.12
C PHE A 320 10.27 -4.23 -11.26
N GLY A 321 11.00 -4.87 -12.18
CA GLY A 321 11.57 -4.22 -13.34
C GLY A 321 10.94 -4.55 -14.69
N ASN A 322 9.71 -5.06 -14.67
CA ASN A 322 9.00 -5.56 -15.86
C ASN A 322 7.93 -4.61 -16.43
N GLY A 323 7.91 -3.37 -15.92
CA GLY A 323 6.89 -2.40 -16.25
C GLY A 323 5.86 -2.20 -15.14
N ARG A 324 4.60 -1.97 -15.51
CA ARG A 324 3.56 -1.74 -14.53
C ARG A 324 3.09 -3.03 -13.89
N THR A 325 3.41 -4.19 -14.46
CA THR A 325 2.87 -5.44 -13.94
C THR A 325 3.97 -6.43 -13.56
N LEU A 326 3.60 -7.41 -12.74
CA LEU A 326 4.42 -8.56 -12.45
C LEU A 326 4.08 -9.70 -13.39
N ALA A 327 5.09 -10.38 -13.91
CA ALA A 327 4.90 -11.43 -14.89
C ALA A 327 4.50 -12.79 -14.28
N THR A 328 4.80 -12.95 -13.00
CA THR A 328 4.51 -14.17 -12.27
C THR A 328 3.04 -14.25 -11.91
N LYS A 329 2.60 -15.39 -11.38
CA LYS A 329 1.21 -15.61 -11.00
C LYS A 329 1.09 -15.70 -9.47
N GLY A 330 0.20 -14.84 -8.94
CA GLY A 330 -0.07 -14.81 -7.52
C GLY A 330 1.09 -14.28 -6.70
N VAL A 331 0.80 -14.12 -5.42
CA VAL A 331 1.78 -13.65 -4.44
C VAL A 331 1.67 -14.40 -3.11
N ILE A 332 2.80 -14.80 -2.53
CA ILE A 332 2.82 -15.36 -1.20
C ILE A 332 3.97 -14.70 -0.43
N ALA A 333 3.67 -14.26 0.77
CA ALA A 333 4.72 -13.78 1.70
C ALA A 333 4.63 -14.51 3.02
N SER A 334 5.74 -14.67 3.71
CA SER A 334 5.71 -15.30 5.01
C SER A 334 6.82 -14.78 5.91
N SER A 335 6.77 -15.22 7.16
CA SER A 335 7.82 -14.98 8.13
C SER A 335 9.07 -15.78 7.85
N GLY A 336 9.01 -16.73 6.94
CA GLY A 336 10.13 -17.66 6.86
C GLY A 336 10.07 -18.59 8.06
N PRO A 337 11.04 -19.48 8.19
CA PRO A 337 12.23 -19.58 7.36
C PRO A 337 11.95 -20.17 5.97
N ARG A 338 13.01 -20.37 5.19
CA ARG A 338 12.91 -20.84 3.81
C ARG A 338 12.10 -22.11 3.72
N GLU A 339 12.33 -23.03 4.66
CA GLU A 339 11.61 -24.30 4.61
C GLU A 339 10.09 -24.17 4.76
N LEU A 340 9.67 -23.29 5.63
CA LEU A 340 8.27 -22.99 5.78
C LEU A 340 7.70 -22.35 4.48
N HIS A 341 8.37 -21.33 4.01
CA HIS A 341 7.95 -20.66 2.80
C HIS A 341 7.80 -21.60 1.60
N ASP A 342 8.80 -22.48 1.42
CA ASP A 342 8.77 -23.42 0.30
C ASP A 342 7.66 -24.48 0.47
N LEU A 343 7.36 -24.86 1.71
CA LEU A 343 6.24 -25.76 1.97
C LEU A 343 4.94 -25.06 1.47
N VAL A 344 4.75 -23.80 1.87
CA VAL A 344 3.55 -23.10 1.48
C VAL A 344 3.41 -22.96 -0.04
N VAL A 345 4.45 -22.49 -0.70
CA VAL A 345 4.37 -22.21 -2.13
C VAL A 345 4.21 -23.54 -2.89
N SER A 346 4.94 -24.59 -2.49
CA SER A 346 4.78 -25.88 -3.19
C SER A 346 3.37 -26.45 -2.99
N THR A 347 2.75 -26.19 -1.84
CA THR A 347 1.36 -26.59 -1.66
C THR A 347 0.45 -25.82 -2.58
N SER A 348 0.67 -24.52 -2.66
CA SER A 348 -0.11 -23.67 -3.55
C SER A 348 0.01 -24.15 -5.01
N CYS A 349 1.25 -24.37 -5.47
CA CYS A 349 1.48 -24.95 -6.80
C CYS A 349 0.67 -26.23 -7.07
N ASP A 350 0.74 -27.18 -6.15
CA ASP A 350 0.08 -28.47 -6.27
C ASP A 350 -1.45 -28.29 -6.33
N VAL A 351 -1.99 -27.40 -5.48
CA VAL A 351 -3.43 -27.13 -5.51
C VAL A 351 -3.85 -26.56 -6.87
N ILE A 352 -3.15 -25.53 -7.35
CA ILE A 352 -3.51 -24.94 -8.64
C ILE A 352 -3.39 -25.96 -9.79
N GLN A 353 -2.31 -26.73 -9.80
CA GLN A 353 -2.12 -27.67 -10.90
C GLN A 353 -3.21 -28.77 -10.88
N SER A 354 -3.86 -29.02 -9.74
CA SER A 354 -4.91 -30.04 -9.62
C SER A 354 -6.29 -29.58 -10.09
N ARG A 355 -6.40 -28.35 -10.55
CA ARG A 355 -7.71 -27.89 -11.02
C ARG A 355 -8.29 -28.79 -12.10
CA CA B . -5.85 1.87 -5.62
MG MG C . -4.43 -1.61 -5.24
P1 A3P D . -7.18 -1.30 -5.20
O1P A3P D . -6.03 -0.46 -5.45
O2P A3P D . -8.23 -0.77 -4.37
O3P A3P D . -7.81 -2.03 -6.46
P2 A3P D . -6.80 -6.72 -1.51
O4P A3P D . -5.64 -7.43 -0.90
O5P A3P D . -7.97 -7.67 -1.77
O6P A3P D . -7.21 -5.40 -0.89
O5' A3P D . -6.36 -6.36 -3.00
C5' A3P D . -5.26 -5.44 -3.44
C4' A3P D . -5.57 -4.99 -4.90
O4' A3P D . -6.45 -6.02 -5.55
C3' A3P D . -6.50 -3.79 -4.93
O3' A3P D . -6.35 -2.49 -4.44
C2' A3P D . -6.80 -4.14 -6.60
O2' A3P D . -5.88 -3.49 -7.56
C1' A3P D . -6.53 -5.60 -6.86
N9 A3P D . -7.40 -6.46 -7.75
C8 A3P D . -8.57 -6.17 -8.48
N7 A3P D . -8.92 -7.27 -9.16
C5 A3P D . -8.05 -8.28 -8.90
C6 A3P D . -7.93 -9.63 -9.34
N6 A3P D . -8.85 -10.15 -10.18
N1 A3P D . -6.92 -10.37 -8.88
C2 A3P D . -5.99 -9.83 -8.02
N3 A3P D . -6.09 -8.57 -7.61
C4 A3P D . -7.08 -7.77 -8.02
C1 BME E . 5.61 -24.15 -10.67
C2 BME E . 4.21 -24.49 -11.15
O1 BME E . 6.42 -23.58 -11.41
S2 BME E . 3.05 -24.96 -9.86
#